data_7M0W
#
_entry.id   7M0W
#
_cell.length_a   117.334
_cell.length_b   117.334
_cell.length_c   130.004
_cell.angle_alpha   90.000
_cell.angle_beta   90.000
_cell.angle_gamma   120.000
#
_symmetry.space_group_name_H-M   'P 31 2 1'
#
loop_
_entity.id
_entity.type
_entity.pdbx_description
1 polymer 'Dual specificity mitogen-activated protein kinase kinase 1'
2 polymer 'Serine/threonine-protein kinase B-raf'
3 non-polymer 'PHOSPHOAMINOPHOSPHONIC ACID-ADENYLATE ESTER'
4 non-polymer 'MAGNESIUM ION'
5 non-polymer N-[(2S)-2,3-dihydroxypropyl]-3-[(2-fluoro-4-iodophenyl)amino]pyridine-4-carboxamide
#
loop_
_entity_poly.entity_id
_entity_poly.type
_entity_poly.pdbx_seq_one_letter_code
_entity_poly.pdbx_strand_id
1 'polypeptide(L)'
;GGGRMPKKKPTPIQLNPAPDGSAVNGTSSAETNLEALQKKLEELELDEQQRKRLEAFLTQKQKVGELKDDDFEKISELGA
GNGGVVFKVSHKPSGLVMARKLIHLEIKPAIRNQIIRELQVLHECNSPYIVGFYGAFYSDGEISICMEHMDGGSLDQVLK
KAGRIPEQILGKVSIAVIKGLTYLREKHKIMHRDVKPSNILVNSRGEIKLCDFGVSGQLIDAMANAFVGTRSYMSPERLQ
GTHYSVQSDIWSMGLSLVEMAVGRYPIPPPDAKELELMFGCQVEGDAAETPPRPRTPGRPLSSYGMDSRPPMAIFELLDY
IVNEPPPKLPSGVFSLEFQDFVNKCLIKNPAERADLKQLMVHAFIKRSDAEEVDFAGWLCSTIGLNQPSTPTHAAGV
;
B
2 'polypeptide(L)'
;GGGRDSSDDWEIPDGQITVGQRIGSGSFGTVYKGKWHGDVAVKMLNVTAPTPQQLQAFKNEVGVLRKTRHVNILLFMGYS
TKPQLAIVTQWCEGSSLYHHLHIIETKFEMIKLIDIARQTAQGMDYLHAKSIIHRDLKSNNIFLHEDLTVKIGDFGLATV
KSRWSGSHQFEQLSGSILWMAPEVIRMQDKNPYSFQSDVYAFGIVLYELMTGQLPYSNINNRDQIIFMVGRGYLSPDLSK
VRSNCPKAMKRLMAECLKKKRDERPLFPQILASIELLARSLPK
;
A
#
loop_
_chem_comp.id
_chem_comp.type
_chem_comp.name
_chem_comp.formula
ANP non-polymer 'PHOSPHOAMINOPHOSPHONIC ACID-ADENYLATE ESTER' 'C10 H17 N6 O12 P3'
MG non-polymer 'MAGNESIUM ION' 'Mg 2'
QOA non-polymer N-[(2S)-2,3-dihydroxypropyl]-3-[(2-fluoro-4-iodophenyl)amino]pyridine-4-carboxamide 'C15 H15 F I N3 O3'
#
# COMPACT_ATOMS: atom_id res chain seq x y z
N LEU A 46 10.35 33.36 10.26
CA LEU A 46 9.83 32.81 11.49
C LEU A 46 9.96 33.83 12.61
N ASP A 47 9.10 33.69 13.64
CA ASP A 47 9.16 34.62 14.76
C ASP A 47 10.13 34.14 15.84
N GLU A 48 9.82 34.42 17.09
CA GLU A 48 10.74 34.13 18.19
C GLU A 48 10.46 32.80 18.85
N GLN A 49 9.20 32.50 19.15
CA GLN A 49 8.87 31.21 19.74
C GLN A 49 9.20 30.06 18.80
N GLN A 50 9.30 30.33 17.48
CA GLN A 50 9.63 29.29 16.53
C GLN A 50 11.15 29.16 16.38
N ARG A 51 11.85 30.28 16.28
CA ARG A 51 13.31 30.23 16.24
C ARG A 51 13.88 29.61 17.52
N LYS A 52 13.19 29.79 18.65
CA LYS A 52 13.61 29.12 19.88
C LYS A 52 13.48 27.61 19.74
N ARG A 53 12.33 27.13 19.28
CA ARG A 53 12.07 25.70 19.20
C ARG A 53 12.91 25.05 18.12
N LEU A 54 13.10 25.75 16.99
CA LEU A 54 13.94 25.20 15.92
C LEU A 54 15.37 25.00 16.39
N GLU A 55 15.96 26.03 16.99
CA GLU A 55 17.32 25.89 17.50
C GLU A 55 17.39 24.88 18.65
N ALA A 56 16.30 24.73 19.41
CA ALA A 56 16.30 23.76 20.50
C ALA A 56 16.33 22.33 19.98
N PHE A 57 15.71 22.08 18.82
CA PHE A 57 15.77 20.76 18.22
C PHE A 57 17.19 20.40 17.79
N LEU A 58 17.85 21.33 17.08
CA LEU A 58 19.22 21.09 16.61
C LEU A 58 20.16 20.74 17.75
N THR A 59 19.92 21.31 18.94
CA THR A 59 20.74 20.97 20.09
C THR A 59 20.54 19.51 20.47
N GLN A 60 19.28 19.09 20.64
CA GLN A 60 19.04 17.69 20.98
C GLN A 60 19.48 16.76 19.86
N LYS A 61 19.51 17.26 18.62
CA LYS A 61 19.90 16.42 17.50
C LYS A 61 21.39 16.15 17.51
N GLN A 62 22.17 17.08 18.04
CA GLN A 62 23.60 16.86 18.10
C GLN A 62 23.95 15.77 19.10
N LYS A 63 23.19 15.64 20.19
CA LYS A 63 23.45 14.60 21.19
C LYS A 63 23.24 13.21 20.64
N VAL A 64 22.86 13.10 19.37
CA VAL A 64 22.54 11.83 18.74
C VAL A 64 23.58 11.58 17.65
N GLY A 65 24.29 10.48 17.78
CA GLY A 65 25.26 10.14 16.75
C GLY A 65 24.77 9.08 15.80
N GLU A 66 25.57 8.03 15.65
CA GLU A 66 25.19 6.94 14.76
C GLU A 66 24.02 6.19 15.38
N LEU A 67 23.01 5.92 14.57
CA LEU A 67 21.79 5.28 15.06
C LEU A 67 21.91 3.78 14.90
N LYS A 68 21.93 3.04 16.01
CA LYS A 68 21.96 1.58 15.93
C LYS A 68 20.68 1.00 16.51
N ASP A 69 20.39 -0.25 16.13
CA ASP A 69 19.15 -0.88 16.57
C ASP A 69 19.20 -1.20 18.06
N ASP A 70 20.37 -1.50 18.60
CA ASP A 70 20.49 -1.83 20.02
C ASP A 70 20.37 -0.61 20.93
N ASP A 71 20.47 0.60 20.40
CA ASP A 71 20.35 1.80 21.20
C ASP A 71 18.90 2.20 21.51
N PHE A 72 17.91 1.38 21.16
CA PHE A 72 16.51 1.77 21.26
C PHE A 72 15.76 0.83 22.17
N GLU A 73 14.89 1.41 23.00
CA GLU A 73 13.98 0.65 23.83
C GLU A 73 12.57 1.01 23.42
N LYS A 74 11.83 -0.02 23.03
CA LYS A 74 10.47 0.10 22.55
C LYS A 74 9.51 0.41 23.69
N ILE A 75 8.81 1.53 23.58
CA ILE A 75 7.79 1.91 24.57
C ILE A 75 6.39 1.41 24.18
N SER A 76 5.74 2.10 23.23
CA SER A 76 4.41 1.74 22.76
C SER A 76 4.31 1.92 21.25
N GLU A 77 3.32 1.26 20.63
CA GLU A 77 3.08 1.46 19.20
C GLU A 77 2.11 2.61 19.00
N LEU A 78 2.46 3.46 18.06
CA LEU A 78 1.72 4.67 17.79
C LEU A 78 0.69 4.47 16.70
N GLY A 79 1.05 3.74 15.66
CA GLY A 79 0.15 3.55 14.56
C GLY A 79 0.73 2.61 13.54
N ALA A 80 -0.11 2.23 12.58
CA ALA A 80 0.37 1.42 11.47
C ALA A 80 -0.48 1.71 10.25
N GLY A 81 0.10 1.46 9.07
CA GLY A 81 -0.58 1.66 7.83
C GLY A 81 -0.40 0.48 6.91
N ASN A 82 -0.75 0.67 5.63
CA ASN A 82 -0.52 -0.36 4.61
C ASN A 82 0.90 -0.20 4.05
N GLY A 83 1.87 -0.48 4.92
CA GLY A 83 3.28 -0.40 4.56
C GLY A 83 4.21 0.21 5.59
N GLY A 84 3.91 0.05 6.87
CA GLY A 84 4.74 0.63 7.90
C GLY A 84 4.13 0.42 9.26
N VAL A 85 4.99 0.50 10.27
CA VAL A 85 4.50 0.53 11.64
C VAL A 85 5.40 1.47 12.42
N VAL A 86 4.83 2.17 13.39
CA VAL A 86 5.52 3.26 14.09
C VAL A 86 5.48 3.00 15.58
N PHE A 87 6.63 3.07 16.22
CA PHE A 87 6.73 2.93 17.67
C PHE A 87 7.34 4.16 18.32
N LYS A 88 6.82 4.54 19.48
CA LYS A 88 7.51 5.48 20.37
C LYS A 88 8.65 4.76 21.04
N VAL A 89 9.85 5.32 20.95
CA VAL A 89 11.04 4.63 21.41
C VAL A 89 11.89 5.60 22.21
N SER A 90 12.70 5.02 23.09
CA SER A 90 13.70 5.77 23.83
C SER A 90 15.06 5.45 23.26
N HIS A 91 15.82 6.50 22.93
CA HIS A 91 17.20 6.41 22.48
C HIS A 91 18.10 6.44 23.71
N LYS A 92 18.62 5.26 24.08
CA LYS A 92 19.41 5.13 25.29
C LYS A 92 20.65 6.01 25.34
N PRO A 93 21.43 6.17 24.26
CA PRO A 93 22.59 7.08 24.30
C PRO A 93 22.27 8.54 24.59
N SER A 94 21.04 8.96 24.46
CA SER A 94 20.75 10.36 24.65
C SER A 94 19.43 10.58 25.35
N GLY A 95 18.81 9.52 25.86
CA GLY A 95 17.57 9.64 26.59
C GLY A 95 16.41 10.20 25.83
N LEU A 96 16.64 10.70 24.61
CA LEU A 96 15.58 11.28 23.80
C LEU A 96 14.48 10.28 23.53
N VAL A 97 13.28 10.81 23.31
CA VAL A 97 12.17 9.99 22.87
C VAL A 97 11.84 10.44 21.47
N MET A 98 11.81 9.48 20.55
CA MET A 98 11.56 9.73 19.15
C MET A 98 10.47 8.79 18.69
N ALA A 99 9.97 9.04 17.48
CA ALA A 99 9.12 8.09 16.77
C ALA A 99 9.94 7.34 15.75
N ARG A 100 9.78 6.01 15.70
CA ARG A 100 10.55 5.15 14.79
C ARG A 100 9.61 4.40 13.85
N LYS A 101 9.54 4.87 12.60
CA LYS A 101 8.83 4.21 11.51
C LYS A 101 9.69 3.08 10.97
N LEU A 102 9.12 1.88 10.90
CA LEU A 102 9.81 0.71 10.35
C LEU A 102 9.06 0.26 9.11
N ILE A 103 9.75 0.29 7.98
CA ILE A 103 9.22 -0.17 6.71
C ILE A 103 9.89 -1.46 6.31
N HIS A 104 9.12 -2.53 6.18
CA HIS A 104 9.66 -3.79 5.73
C HIS A 104 9.43 -3.92 4.25
N LEU A 105 10.49 -3.74 3.47
CA LEU A 105 10.44 -3.84 2.02
C LEU A 105 11.19 -5.05 1.54
N GLU A 106 10.70 -5.69 0.48
CA GLU A 106 11.45 -6.76 -0.15
C GLU A 106 12.01 -6.20 -1.46
N ILE A 107 13.18 -5.58 -1.33
CA ILE A 107 13.85 -4.99 -2.48
C ILE A 107 15.29 -5.45 -2.50
N LYS A 108 15.91 -5.31 -3.66
CA LYS A 108 17.32 -5.65 -3.80
C LYS A 108 18.18 -4.65 -3.02
N PRO A 109 19.36 -5.10 -2.55
CA PRO A 109 20.15 -4.27 -1.65
C PRO A 109 20.62 -2.98 -2.26
N ALA A 110 21.00 -3.02 -3.53
CA ALA A 110 21.35 -1.81 -4.27
C ALA A 110 20.27 -0.75 -4.13
N ILE A 111 19.02 -1.13 -4.41
CA ILE A 111 17.95 -0.15 -4.31
C ILE A 111 17.78 0.28 -2.87
N ARG A 112 17.90 -0.67 -1.94
CA ARG A 112 17.76 -0.36 -0.54
C ARG A 112 18.79 0.64 -0.08
N ASN A 113 20.06 0.42 -0.43
CA ASN A 113 21.10 1.37 -0.05
C ASN A 113 20.87 2.76 -0.64
N GLN A 114 20.46 2.83 -1.90
CA GLN A 114 20.08 4.12 -2.46
C GLN A 114 18.99 4.80 -1.64
N ILE A 115 17.99 4.05 -1.14
CA ILE A 115 16.92 4.68 -0.37
C ILE A 115 17.46 5.31 0.91
N ILE A 116 18.31 4.59 1.63
CA ILE A 116 18.87 5.18 2.83
C ILE A 116 19.61 6.45 2.49
N ARG A 117 20.44 6.39 1.44
CA ARG A 117 21.16 7.58 0.98
C ARG A 117 20.22 8.75 0.68
N GLU A 118 19.18 8.52 -0.13
CA GLU A 118 18.25 9.59 -0.46
C GLU A 118 17.51 10.15 0.75
N LEU A 119 17.40 9.36 1.81
CA LEU A 119 16.66 9.83 2.97
C LEU A 119 17.49 10.81 3.78
N GLN A 120 18.82 10.76 3.64
CA GLN A 120 19.69 11.63 4.43
C GLN A 120 19.54 13.11 4.09
N VAL A 121 18.90 13.46 2.96
CA VAL A 121 18.47 14.83 2.71
C VAL A 121 17.62 15.38 3.84
N LEU A 122 16.99 14.50 4.64
CA LEU A 122 16.07 15.03 5.62
C LEU A 122 16.80 15.72 6.75
N HIS A 123 18.11 15.57 6.83
CA HIS A 123 18.85 16.34 7.80
C HIS A 123 18.88 17.84 7.44
N GLU A 124 18.51 18.21 6.20
CA GLU A 124 18.42 19.61 5.76
C GLU A 124 17.03 20.23 5.91
N CYS A 125 15.97 19.44 5.97
CA CYS A 125 14.64 20.02 6.18
C CYS A 125 14.53 20.46 7.63
N ASN A 126 14.59 21.76 7.90
CA ASN A 126 14.43 22.29 9.25
C ASN A 126 13.46 23.46 9.20
N SER A 127 12.17 23.17 9.38
CA SER A 127 11.12 24.17 9.39
C SER A 127 10.18 23.87 10.54
N PRO A 128 9.51 24.89 11.09
CA PRO A 128 8.45 24.63 12.07
C PRO A 128 7.22 23.95 11.48
N TYR A 129 7.18 23.67 10.19
CA TYR A 129 6.04 23.01 9.59
C TYR A 129 6.41 21.65 9.04
N ILE A 130 7.64 21.23 9.27
CA ILE A 130 8.09 19.91 8.91
C ILE A 130 8.48 19.19 10.19
N VAL A 131 7.99 17.94 10.32
CA VAL A 131 8.35 17.09 11.44
C VAL A 131 9.85 16.93 11.50
N GLY A 132 10.39 16.80 12.72
CA GLY A 132 11.83 16.72 12.89
C GLY A 132 12.39 15.38 12.43
N PHE A 133 13.63 15.39 11.98
CA PHE A 133 14.26 14.15 11.51
C PHE A 133 15.56 13.88 12.28
N TYR A 134 15.69 12.68 12.81
CA TYR A 134 16.89 12.37 13.58
C TYR A 134 17.87 11.50 12.81
N GLY A 135 17.39 10.72 11.85
CA GLY A 135 18.24 9.76 11.18
C GLY A 135 17.40 8.67 10.57
N ALA A 136 17.99 7.96 9.62
CA ALA A 136 17.34 6.83 8.99
C ALA A 136 18.43 5.80 8.76
N PHE A 137 18.10 4.53 8.90
CA PHE A 137 19.07 3.46 8.71
C PHE A 137 18.36 2.17 8.32
N TYR A 138 19.14 1.10 8.08
CA TYR A 138 18.62 -0.21 7.73
C TYR A 138 19.18 -1.26 8.69
N SER A 139 18.36 -2.27 9.03
CA SER A 139 18.77 -3.35 9.92
C SER A 139 17.64 -4.35 10.04
N ASP A 140 18.03 -5.62 10.21
CA ASP A 140 17.13 -6.78 10.43
C ASP A 140 16.01 -6.84 9.39
N GLY A 141 16.33 -6.45 8.15
CA GLY A 141 15.41 -6.51 7.04
C GLY A 141 14.37 -5.43 6.98
N GLU A 142 14.55 -4.30 7.66
CA GLU A 142 13.59 -3.19 7.63
C GLU A 142 14.29 -1.84 7.63
N ILE A 143 13.69 -0.89 6.93
CA ILE A 143 14.13 0.49 6.93
C ILE A 143 13.53 1.20 8.12
N SER A 144 14.38 1.89 8.88
CA SER A 144 13.95 2.70 10.00
C SER A 144 14.09 4.17 9.65
N ILE A 145 13.02 4.93 9.81
CA ILE A 145 13.10 6.38 9.78
C ILE A 145 12.79 6.89 11.17
N CYS A 146 13.74 7.58 11.78
CA CYS A 146 13.58 8.12 13.13
C CYS A 146 13.32 9.61 13.04
N MET A 147 12.20 10.02 13.61
CA MET A 147 11.69 11.37 13.57
C MET A 147 11.22 11.75 14.97
N GLU A 148 11.00 13.05 15.16
CA GLU A 148 10.55 13.54 16.46
C GLU A 148 9.12 13.10 16.77
N HIS A 149 8.86 12.83 18.05
CA HIS A 149 7.54 12.40 18.51
C HIS A 149 6.58 13.58 18.47
N MET A 150 5.34 13.31 18.04
CA MET A 150 4.29 14.32 18.04
C MET A 150 3.12 13.81 18.89
N ASP A 151 3.03 14.26 20.14
CA ASP A 151 2.12 13.60 21.07
C ASP A 151 0.65 13.81 20.75
N GLY A 152 0.29 14.54 19.70
CA GLY A 152 -1.11 14.65 19.35
C GLY A 152 -1.47 13.57 18.36
N GLY A 153 -0.50 13.16 17.55
CA GLY A 153 -0.71 12.19 16.51
C GLY A 153 -1.15 12.84 15.21
N SER A 154 -1.47 11.99 14.23
CA SER A 154 -1.89 12.46 12.92
C SER A 154 -3.31 12.99 12.99
N LEU A 155 -3.60 14.01 12.18
CA LEU A 155 -4.96 14.52 12.14
C LEU A 155 -5.99 13.46 11.78
N ASP A 156 -5.56 12.32 11.22
CA ASP A 156 -6.49 11.24 10.92
C ASP A 156 -7.01 10.61 12.20
N GLN A 157 -6.12 10.44 13.17
CA GLN A 157 -6.48 10.02 14.51
C GLN A 157 -7.33 11.07 15.19
N VAL A 158 -6.86 12.31 15.22
CA VAL A 158 -7.66 13.34 15.86
C VAL A 158 -9.06 13.38 15.27
N LEU A 159 -9.20 13.10 13.98
CA LEU A 159 -10.53 13.22 13.40
C LEU A 159 -11.46 12.17 13.98
N LYS A 160 -10.97 10.93 14.16
CA LYS A 160 -11.80 9.87 14.74
C LYS A 160 -12.26 10.23 16.13
N LYS A 161 -11.32 10.61 17.00
CA LYS A 161 -11.70 11.07 18.33
C LYS A 161 -12.65 12.25 18.27
N ALA A 162 -12.58 13.10 17.25
CA ALA A 162 -13.36 14.33 17.25
C ALA A 162 -14.65 14.24 16.45
N GLY A 163 -14.76 13.33 15.50
CA GLY A 163 -15.99 13.27 14.77
C GLY A 163 -15.94 14.20 13.59
N ARG A 164 -16.07 15.49 13.84
CA ARG A 164 -15.81 16.52 12.86
C ARG A 164 -14.86 17.52 13.49
N ILE A 165 -14.08 18.20 12.66
CA ILE A 165 -13.14 19.23 13.12
C ILE A 165 -13.70 20.61 12.77
N PRO A 166 -13.60 21.58 13.66
CA PRO A 166 -14.18 22.90 13.40
C PRO A 166 -13.41 23.73 12.37
N GLU A 167 -14.19 24.51 11.62
CA GLU A 167 -13.64 25.41 10.61
C GLU A 167 -12.58 26.36 11.20
N GLN A 168 -12.81 26.95 12.37
CA GLN A 168 -11.78 27.79 12.99
C GLN A 168 -10.46 27.04 13.18
N ILE A 169 -10.56 25.74 13.49
CA ILE A 169 -9.36 24.91 13.62
C ILE A 169 -8.83 24.52 12.26
N LEU A 170 -9.71 24.12 11.34
CA LEU A 170 -9.24 23.82 10.00
C LEU A 170 -8.65 25.04 9.33
N GLY A 171 -8.98 26.25 9.79
CA GLY A 171 -8.28 27.43 9.30
C GLY A 171 -6.80 27.36 9.61
N LYS A 172 -6.47 27.25 10.89
CA LYS A 172 -5.07 27.19 11.29
C LYS A 172 -4.34 26.02 10.65
N VAL A 173 -5.04 24.91 10.42
CA VAL A 173 -4.40 23.76 9.80
C VAL A 173 -4.02 24.07 8.36
N SER A 174 -4.94 24.73 7.64
CA SER A 174 -4.68 25.06 6.26
C SER A 174 -3.47 25.97 6.17
N ILE A 175 -3.43 27.01 7.00
CA ILE A 175 -2.24 27.85 7.06
C ILE A 175 -0.97 27.00 7.10
N ALA A 176 -0.88 26.07 8.07
CA ALA A 176 0.36 25.31 8.21
C ALA A 176 0.66 24.43 6.99
N VAL A 177 -0.34 23.74 6.45
CA VAL A 177 -0.08 22.87 5.30
C VAL A 177 0.40 23.68 4.12
N ILE A 178 -0.14 24.90 3.95
CA ILE A 178 0.32 25.78 2.87
C ILE A 178 1.73 26.22 3.13
N LYS A 179 2.03 26.63 4.35
CA LYS A 179 3.39 27.07 4.64
C LYS A 179 4.38 25.91 4.55
N GLY A 180 3.93 24.68 4.80
CA GLY A 180 4.85 23.56 4.73
C GLY A 180 5.14 23.15 3.30
N LEU A 181 4.11 23.18 2.46
CA LEU A 181 4.30 22.95 1.03
C LEU A 181 5.19 24.02 0.42
N THR A 182 5.05 25.26 0.89
CA THR A 182 5.90 26.34 0.40
C THR A 182 7.36 26.07 0.73
N TYR A 183 7.69 25.96 2.02
CA TYR A 183 9.06 25.62 2.42
C TYR A 183 9.63 24.45 1.64
N LEU A 184 8.80 23.49 1.27
CA LEU A 184 9.31 22.38 0.49
C LEU A 184 9.54 22.78 -0.94
N ARG A 185 8.66 23.63 -1.49
CA ARG A 185 8.74 23.99 -2.90
C ARG A 185 9.93 24.89 -3.17
N GLU A 186 10.22 25.84 -2.29
CA GLU A 186 11.30 26.81 -2.50
C GLU A 186 12.65 26.32 -1.99
N LYS A 187 12.79 26.15 -0.69
CA LYS A 187 14.09 25.81 -0.12
C LYS A 187 14.61 24.43 -0.53
N HIS A 188 13.80 23.56 -1.14
CA HIS A 188 14.28 22.23 -1.51
C HIS A 188 13.72 21.72 -2.83
N LYS A 189 12.75 22.40 -3.45
CA LYS A 189 12.23 22.02 -4.76
C LYS A 189 11.75 20.59 -4.78
N ILE A 190 11.33 20.07 -3.63
CA ILE A 190 10.70 18.77 -3.53
C ILE A 190 9.22 18.98 -3.23
N MET A 191 8.39 18.12 -3.79
CA MET A 191 6.95 18.17 -3.61
C MET A 191 6.46 16.97 -2.82
N HIS A 192 5.43 17.20 -2.01
CA HIS A 192 5.01 16.22 -1.03
C HIS A 192 4.62 14.92 -1.70
N ARG A 193 3.71 14.99 -2.67
CA ARG A 193 3.18 13.85 -3.39
C ARG A 193 2.31 12.93 -2.52
N ASP A 194 2.05 13.28 -1.25
CA ASP A 194 1.17 12.43 -0.42
C ASP A 194 0.46 13.22 0.66
N VAL A 195 -0.22 14.29 0.32
CA VAL A 195 -0.92 15.01 1.36
C VAL A 195 -2.17 14.21 1.71
N LYS A 196 -2.37 13.98 3.00
CA LYS A 196 -3.59 13.39 3.52
C LYS A 196 -3.59 13.59 5.02
N PRO A 197 -4.75 13.43 5.67
CA PRO A 197 -4.80 13.69 7.13
C PRO A 197 -3.80 12.87 7.93
N SER A 198 -3.52 11.63 7.52
CA SER A 198 -2.61 10.81 8.29
C SER A 198 -1.16 11.27 8.19
N ASN A 199 -0.83 12.26 7.36
CA ASN A 199 0.56 12.73 7.25
C ASN A 199 0.72 14.14 7.80
N ILE A 200 -0.33 14.69 8.36
CA ILE A 200 -0.27 15.96 9.06
C ILE A 200 -0.24 15.65 10.54
N LEU A 201 0.84 16.01 11.20
CA LEU A 201 1.00 15.66 12.60
C LEU A 201 0.82 16.90 13.46
N VAL A 202 0.34 16.71 14.69
CA VAL A 202 0.08 17.81 15.62
C VAL A 202 0.64 17.43 17.00
N ASN A 203 0.83 18.42 17.86
CA ASN A 203 1.35 18.11 19.18
C ASN A 203 0.76 19.07 20.22
N SER A 204 1.07 18.81 21.50
CA SER A 204 0.50 19.55 22.62
C SER A 204 0.95 21.00 22.68
N ARG A 205 2.01 21.35 21.95
CA ARG A 205 2.44 22.74 21.88
C ARG A 205 1.75 23.52 20.77
N GLY A 206 0.65 22.98 20.23
CA GLY A 206 -0.06 23.64 19.18
C GLY A 206 0.61 23.65 17.83
N GLU A 207 1.72 22.93 17.63
CA GLU A 207 2.32 22.90 16.31
C GLU A 207 1.53 21.97 15.37
N ILE A 208 1.63 22.26 14.08
CA ILE A 208 1.05 21.46 13.01
C ILE A 208 2.10 21.30 11.93
N LYS A 209 2.57 20.08 11.74
CA LYS A 209 3.74 19.81 10.93
C LYS A 209 3.36 18.84 9.82
N LEU A 210 4.10 18.88 8.72
CA LEU A 210 3.95 17.85 7.71
C LEU A 210 4.99 16.77 7.88
N CYS A 211 4.69 15.60 7.33
CA CYS A 211 5.68 14.54 7.17
C CYS A 211 5.25 13.59 6.04
N ASP A 212 6.05 12.55 5.85
CA ASP A 212 5.84 11.53 4.80
C ASP A 212 5.79 12.14 3.41
N PHE A 213 6.65 13.14 3.17
CA PHE A 213 6.76 13.82 1.87
C PHE A 213 7.83 13.21 1.01
N GLY A 214 7.56 13.09 -0.28
CA GLY A 214 8.44 12.37 -1.20
C GLY A 214 9.86 12.86 -1.37
N VAL A 215 10.73 12.60 -0.40
CA VAL A 215 12.13 12.98 -0.56
C VAL A 215 12.94 11.87 -1.21
N SER A 216 12.49 10.62 -1.12
CA SER A 216 13.22 9.50 -1.67
C SER A 216 12.34 8.87 -2.71
N GLY A 217 12.67 9.12 -3.97
CA GLY A 217 11.82 8.59 -5.01
C GLY A 217 11.92 7.09 -5.10
N GLN A 218 13.10 6.56 -4.84
CA GLN A 218 13.27 5.12 -4.90
C GLN A 218 12.35 4.41 -3.92
N LEU A 219 12.19 4.98 -2.72
CA LEU A 219 11.20 4.47 -1.77
C LEU A 219 9.80 4.58 -2.33
N ILE A 220 9.46 5.73 -2.92
CA ILE A 220 8.11 5.87 -3.49
C ILE A 220 7.87 4.76 -4.52
N ASP A 221 8.85 4.54 -5.40
CA ASP A 221 8.67 3.59 -6.48
C ASP A 221 8.58 2.18 -5.93
N ALA A 222 9.28 1.90 -4.83
CA ALA A 222 9.21 0.59 -4.20
C ALA A 222 7.84 0.35 -3.60
N MET A 223 7.29 1.36 -2.94
CA MET A 223 5.96 1.30 -2.37
C MET A 223 4.87 1.21 -3.41
N ALA A 224 5.20 1.39 -4.69
CA ALA A 224 4.25 1.27 -5.78
C ALA A 224 3.82 -0.16 -5.98
N ASN A 225 4.70 -1.10 -5.70
CA ASN A 225 4.27 -2.49 -5.67
C ASN A 225 3.72 -2.84 -4.30
N ALA A 226 2.80 -2.03 -3.80
CA ALA A 226 2.07 -2.40 -2.59
C ALA A 226 0.71 -2.94 -2.98
N PHE A 227 0.03 -3.51 -1.99
CA PHE A 227 -1.35 -3.88 -2.20
C PHE A 227 -2.18 -2.61 -2.27
N VAL A 228 -3.32 -2.75 -2.91
CA VAL A 228 -4.26 -1.68 -3.04
C VAL A 228 -4.68 -1.15 -1.66
N GLY A 229 -4.87 0.17 -1.58
CA GLY A 229 -5.52 0.78 -0.44
C GLY A 229 -7.04 0.77 -0.59
N THR A 230 -7.71 1.50 0.30
CA THR A 230 -9.16 1.57 0.21
C THR A 230 -9.65 2.88 -0.39
N ARG A 231 -8.82 3.91 -0.33
CA ARG A 231 -9.22 5.25 -0.72
C ARG A 231 -7.98 5.98 -1.20
N SER A 232 -8.19 7.03 -1.98
CA SER A 232 -7.14 7.77 -2.63
C SER A 232 -7.29 9.26 -2.39
N TYR A 233 -6.16 9.95 -2.24
CA TYR A 233 -6.14 11.41 -2.26
C TYR A 233 -5.47 11.96 -3.52
N MET A 234 -5.34 11.13 -4.55
CA MET A 234 -4.63 11.48 -5.78
C MET A 234 -5.48 12.38 -6.67
N SER A 235 -4.90 13.51 -7.07
CA SER A 235 -5.56 14.43 -7.97
C SER A 235 -5.88 13.71 -9.27
N PRO A 236 -6.83 14.25 -10.04
CA PRO A 236 -7.26 13.55 -11.27
C PRO A 236 -6.21 13.58 -12.36
N GLU A 237 -5.30 14.54 -12.35
CA GLU A 237 -4.24 14.52 -13.34
C GLU A 237 -3.17 13.46 -13.02
N ARG A 238 -2.79 13.28 -11.75
CA ARG A 238 -1.88 12.19 -11.40
C ARG A 238 -2.46 10.83 -11.76
N LEU A 239 -3.75 10.62 -11.52
CA LEU A 239 -4.37 9.35 -11.91
C LEU A 239 -4.27 9.11 -13.40
N GLN A 240 -4.06 10.17 -14.19
CA GLN A 240 -4.02 10.04 -15.65
C GLN A 240 -2.65 10.26 -16.22
N GLY A 241 -1.73 10.84 -15.48
CA GLY A 241 -0.47 11.25 -16.06
C GLY A 241 0.55 11.39 -14.96
N THR A 242 1.14 12.57 -14.81
CA THR A 242 2.15 12.72 -13.78
C THR A 242 1.88 13.98 -12.94
N HIS A 243 2.77 14.19 -11.95
CA HIS A 243 2.68 15.34 -11.06
C HIS A 243 2.69 16.62 -11.87
N TYR A 244 1.92 17.60 -11.42
CA TYR A 244 1.75 18.88 -12.10
C TYR A 244 2.18 19.97 -11.14
N SER A 245 3.43 19.92 -10.71
CA SER A 245 3.93 20.86 -9.72
C SER A 245 3.05 20.88 -8.47
N VAL A 246 3.13 21.98 -7.70
CA VAL A 246 2.53 22.00 -6.40
C VAL A 246 1.02 21.89 -6.49
N GLN A 247 0.46 22.13 -7.67
CA GLN A 247 -0.99 22.18 -7.76
C GLN A 247 -1.62 20.85 -7.40
N SER A 248 -0.94 19.75 -7.70
CA SER A 248 -1.58 18.46 -7.49
C SER A 248 -1.55 18.04 -6.02
N ASP A 249 -0.61 18.61 -5.24
CA ASP A 249 -0.68 18.52 -3.79
C ASP A 249 -1.86 19.30 -3.26
N ILE A 250 -2.09 20.51 -3.79
CA ILE A 250 -3.15 21.37 -3.31
C ILE A 250 -4.52 20.70 -3.44
N TRP A 251 -4.71 19.90 -4.48
CA TRP A 251 -5.95 19.13 -4.55
C TRP A 251 -6.12 18.25 -3.33
N SER A 252 -5.07 17.48 -3.04
CA SER A 252 -5.03 16.62 -1.87
C SER A 252 -5.35 17.39 -0.60
N MET A 253 -4.74 18.56 -0.41
CA MET A 253 -5.08 19.35 0.77
C MET A 253 -6.58 19.59 0.85
N GLY A 254 -7.23 19.85 -0.28
CA GLY A 254 -8.64 20.19 -0.23
C GLY A 254 -9.47 18.97 0.10
N LEU A 255 -9.12 17.85 -0.47
CA LEU A 255 -9.88 16.65 -0.21
C LEU A 255 -9.74 16.24 1.24
N SER A 256 -8.60 16.52 1.84
CA SER A 256 -8.43 16.30 3.26
C SER A 256 -9.25 17.27 4.09
N LEU A 257 -9.32 18.54 3.68
CA LEU A 257 -10.10 19.51 4.41
C LEU A 257 -11.56 19.13 4.44
N VAL A 258 -12.07 18.66 3.33
CA VAL A 258 -13.47 18.29 3.31
C VAL A 258 -13.73 17.07 4.20
N GLU A 259 -12.89 16.05 4.07
CA GLU A 259 -13.00 14.89 4.94
C GLU A 259 -12.99 15.30 6.40
N MET A 260 -12.03 16.13 6.80
CA MET A 260 -12.00 16.55 8.19
C MET A 260 -13.19 17.42 8.55
N ALA A 261 -13.74 18.16 7.57
CA ALA A 261 -14.77 19.13 7.94
C ALA A 261 -16.10 18.44 8.15
N VAL A 262 -16.35 17.39 7.39
CA VAL A 262 -17.58 16.62 7.52
C VAL A 262 -17.41 15.38 8.40
N GLY A 263 -16.19 14.92 8.61
CA GLY A 263 -16.01 13.65 9.27
C GLY A 263 -16.23 12.40 8.41
N ARG A 264 -15.92 12.45 7.13
CA ARG A 264 -16.17 11.28 6.30
C ARG A 264 -15.37 11.48 5.04
N TYR A 265 -14.81 10.42 4.51
CA TYR A 265 -14.12 10.51 3.24
C TYR A 265 -15.11 10.84 2.12
N PRO A 266 -14.96 11.96 1.43
CA PRO A 266 -16.07 12.54 0.66
C PRO A 266 -16.27 12.00 -0.75
N ILE A 267 -15.76 10.83 -1.07
CA ILE A 267 -16.01 10.20 -2.36
C ILE A 267 -16.67 8.82 -2.15
N PRO A 268 -17.93 8.63 -2.57
CA PRO A 268 -18.80 9.60 -3.22
C PRO A 268 -19.42 10.56 -2.23
N PRO A 269 -19.90 11.70 -2.70
CA PRO A 269 -20.43 12.72 -1.79
C PRO A 269 -21.56 12.16 -0.94
N PRO A 270 -21.84 12.77 0.21
CA PRO A 270 -22.86 12.21 1.10
C PRO A 270 -24.26 12.20 0.49
N ASP A 271 -25.08 11.24 0.93
CA ASP A 271 -26.46 11.12 0.48
C ASP A 271 -27.26 12.38 0.85
N ALA A 272 -28.46 12.50 0.27
CA ALA A 272 -29.29 13.67 0.50
C ALA A 272 -29.67 13.80 1.97
N LYS A 273 -30.00 12.68 2.64
CA LYS A 273 -30.38 12.69 4.05
C LYS A 273 -29.27 12.22 5.00
N GLU A 274 -28.22 11.56 4.49
CA GLU A 274 -27.00 11.39 5.27
C GLU A 274 -26.35 12.71 5.62
N LEU A 275 -26.55 13.73 4.77
CA LEU A 275 -25.97 15.04 4.97
C LEU A 275 -26.77 15.85 6.01
N GLU A 276 -28.12 15.79 5.97
CA GLU A 276 -28.93 16.42 7.03
C GLU A 276 -28.75 15.74 8.37
N LEU A 277 -28.20 14.51 8.36
CA LEU A 277 -27.63 13.87 9.54
C LEU A 277 -26.24 14.46 9.80
N MET A 278 -26.23 15.72 10.23
CA MET A 278 -25.01 16.50 10.43
C MET A 278 -24.69 16.66 11.93
N PRO A 311 -20.17 0.00 0.15
CA PRO A 311 -18.78 0.50 0.13
C PRO A 311 -18.18 0.52 -1.28
N MET A 312 -17.83 1.69 -1.80
CA MET A 312 -17.36 1.82 -3.18
C MET A 312 -15.97 1.21 -3.38
N ALA A 313 -15.80 0.49 -4.50
CA ALA A 313 -14.55 -0.16 -4.91
C ALA A 313 -13.48 0.87 -5.22
N ILE A 314 -12.22 0.45 -5.06
CA ILE A 314 -11.12 1.39 -5.22
C ILE A 314 -11.11 1.95 -6.63
N PHE A 315 -11.28 1.08 -7.62
CA PHE A 315 -11.28 1.54 -9.00
C PHE A 315 -12.41 2.53 -9.26
N GLU A 316 -13.61 2.26 -8.73
CA GLU A 316 -14.71 3.16 -9.02
C GLU A 316 -14.49 4.54 -8.44
N LEU A 317 -13.86 4.61 -7.26
CA LEU A 317 -13.48 5.90 -6.68
C LEU A 317 -12.51 6.64 -7.57
N LEU A 318 -11.60 5.90 -8.18
CA LEU A 318 -10.60 6.53 -9.03
C LEU A 318 -11.25 7.00 -10.33
N ASP A 319 -12.20 6.20 -10.84
CA ASP A 319 -13.03 6.62 -11.96
C ASP A 319 -13.93 7.80 -11.59
N TYR A 320 -14.53 7.76 -10.40
CA TYR A 320 -15.27 8.93 -9.91
C TYR A 320 -14.37 10.16 -9.86
N ILE A 321 -13.15 10.06 -9.29
CA ILE A 321 -12.37 11.29 -9.12
C ILE A 321 -12.05 11.93 -10.45
N VAL A 322 -11.92 11.10 -11.49
CA VAL A 322 -11.48 11.54 -12.80
C VAL A 322 -12.65 12.09 -13.61
N ASN A 323 -13.77 11.36 -13.62
CA ASN A 323 -14.88 11.57 -14.55
C ASN A 323 -16.16 12.07 -13.89
N GLU A 324 -16.09 12.68 -12.71
CA GLU A 324 -17.27 13.20 -12.03
C GLU A 324 -16.91 14.50 -11.36
N PRO A 325 -17.89 15.35 -11.11
CA PRO A 325 -17.58 16.68 -10.61
C PRO A 325 -16.98 16.59 -9.22
N PRO A 326 -16.13 17.55 -8.84
CA PRO A 326 -15.40 17.45 -7.58
C PRO A 326 -16.33 17.57 -6.39
N PRO A 327 -15.93 17.09 -5.21
CA PRO A 327 -16.78 17.24 -4.05
C PRO A 327 -16.75 18.66 -3.50
N LYS A 328 -17.73 18.96 -2.67
CA LYS A 328 -17.89 20.30 -2.14
C LYS A 328 -18.40 20.20 -0.72
N LEU A 329 -18.46 21.31 -0.10
CA LEU A 329 -18.98 21.35 1.26
C LEU A 329 -20.49 21.65 1.26
N PRO A 330 -21.19 21.29 2.35
CA PRO A 330 -22.60 21.64 2.45
C PRO A 330 -22.80 23.13 2.55
N SER A 331 -23.89 23.59 1.93
CA SER A 331 -24.08 25.00 1.73
C SER A 331 -24.46 25.74 3.01
N GLY A 332 -24.98 25.03 4.00
CA GLY A 332 -25.54 25.79 5.10
C GLY A 332 -24.60 25.95 6.27
N VAL A 333 -23.80 24.91 6.49
CA VAL A 333 -23.08 24.77 7.75
C VAL A 333 -21.84 25.65 7.80
N PHE A 334 -21.13 25.79 6.69
CA PHE A 334 -19.84 26.47 6.69
C PHE A 334 -19.89 27.83 6.02
N SER A 335 -18.95 28.69 6.42
CA SER A 335 -18.87 30.02 5.85
C SER A 335 -18.68 29.95 4.34
N LEU A 336 -18.91 31.10 3.67
CA LEU A 336 -18.74 31.14 2.22
C LEU A 336 -17.27 31.28 1.84
N GLU A 337 -16.46 31.92 2.70
CA GLU A 337 -15.02 31.96 2.47
C GLU A 337 -14.41 30.56 2.50
N PHE A 338 -14.81 29.73 3.46
CA PHE A 338 -14.30 28.39 3.53
C PHE A 338 -14.79 27.54 2.36
N GLN A 339 -16.06 27.69 1.97
CA GLN A 339 -16.57 26.88 0.86
C GLN A 339 -15.85 27.23 -0.45
N ASP A 340 -15.52 28.50 -0.64
CA ASP A 340 -14.80 28.92 -1.82
C ASP A 340 -13.36 28.43 -1.78
N PHE A 341 -12.70 28.63 -0.64
CA PHE A 341 -11.36 28.08 -0.44
C PHE A 341 -11.29 26.62 -0.88
N VAL A 342 -12.15 25.77 -0.38
CA VAL A 342 -12.04 24.38 -0.81
C VAL A 342 -12.43 24.23 -2.27
N ASN A 343 -13.21 25.14 -2.80
CA ASN A 343 -13.66 24.88 -4.16
C ASN A 343 -12.56 25.22 -5.13
N LYS A 344 -11.85 26.30 -4.84
CA LYS A 344 -10.72 26.63 -5.67
C LYS A 344 -9.67 25.54 -5.60
N CYS A 345 -9.61 24.82 -4.49
CA CYS A 345 -8.62 23.77 -4.35
C CYS A 345 -8.97 22.55 -5.18
N LEU A 346 -10.25 22.29 -5.37
CA LEU A 346 -10.71 21.03 -5.93
C LEU A 346 -11.08 21.14 -7.40
N ILE A 347 -10.66 22.22 -8.07
CA ILE A 347 -10.88 22.38 -9.50
C ILE A 347 -10.20 21.23 -10.24
N LYS A 348 -10.97 20.55 -11.09
CA LYS A 348 -10.39 19.38 -11.74
C LYS A 348 -9.27 19.75 -12.71
N ASN A 349 -9.29 20.93 -13.33
CA ASN A 349 -8.16 21.29 -14.21
C ASN A 349 -7.01 21.80 -13.35
N PRO A 350 -5.84 21.17 -13.40
CA PRO A 350 -4.74 21.61 -12.54
C PRO A 350 -4.34 23.06 -12.73
N ALA A 351 -4.43 23.59 -13.95
CA ALA A 351 -3.90 24.93 -14.20
C ALA A 351 -4.82 26.00 -13.62
N GLU A 352 -6.14 25.86 -13.83
CA GLU A 352 -7.17 26.71 -13.23
C GLU A 352 -7.15 26.66 -11.70
N ARG A 353 -6.80 25.51 -11.13
CA ARG A 353 -6.70 25.29 -9.70
C ARG A 353 -5.76 26.28 -9.04
N ALA A 354 -6.08 26.63 -7.80
CA ALA A 354 -5.35 27.68 -7.13
C ALA A 354 -3.93 27.24 -6.83
N ASP A 355 -3.01 28.17 -6.78
CA ASP A 355 -1.68 27.75 -6.41
C ASP A 355 -1.38 28.30 -5.03
N LEU A 356 -0.14 28.13 -4.59
CA LEU A 356 0.15 28.51 -3.20
C LEU A 356 0.03 30.01 -3.03
N LYS A 357 0.51 30.77 -4.02
CA LYS A 357 0.49 32.22 -3.93
C LYS A 357 -0.93 32.71 -3.75
N GLN A 358 -1.88 32.11 -4.47
CA GLN A 358 -3.26 32.55 -4.36
C GLN A 358 -3.84 32.21 -3.02
N LEU A 359 -3.80 30.92 -2.64
CA LEU A 359 -4.37 30.48 -1.39
C LEU A 359 -3.82 31.26 -0.23
N MET A 360 -2.54 31.62 -0.29
CA MET A 360 -1.89 32.28 0.83
C MET A 360 -2.57 33.59 1.18
N VAL A 361 -3.22 34.22 0.20
CA VAL A 361 -3.91 35.49 0.39
C VAL A 361 -5.38 35.37 0.06
N HIS A 362 -5.93 34.16 0.09
CA HIS A 362 -7.35 33.98 -0.02
C HIS A 362 -8.04 34.59 1.19
N ALA A 363 -9.36 34.79 1.06
CA ALA A 363 -10.13 35.39 2.14
C ALA A 363 -10.11 34.53 3.40
N PHE A 364 -10.41 33.24 3.22
CA PHE A 364 -10.50 32.31 4.33
C PHE A 364 -9.20 32.25 5.12
N ILE A 365 -8.06 32.39 4.44
CA ILE A 365 -6.78 32.34 5.12
C ILE A 365 -6.49 33.65 5.81
N LYS A 366 -6.88 34.76 5.18
CA LYS A 366 -6.64 36.06 5.83
C LYS A 366 -7.45 36.17 7.11
N ARG A 367 -8.67 35.63 7.10
CA ARG A 367 -9.49 35.64 8.30
C ARG A 367 -8.97 34.68 9.36
N SER A 368 -8.70 33.44 8.95
CA SER A 368 -8.28 32.40 9.88
C SER A 368 -6.92 32.68 10.47
N ASP A 369 -6.13 33.54 9.82
CA ASP A 369 -4.84 33.91 10.38
C ASP A 369 -5.00 35.02 11.39
N ALA A 370 -6.06 35.79 11.26
CA ALA A 370 -6.31 36.83 12.22
C ALA A 370 -6.87 36.26 13.52
N GLU A 371 -7.71 35.22 13.42
CA GLU A 371 -8.37 34.67 14.60
C GLU A 371 -7.33 34.10 15.57
N GLU A 372 -7.59 34.26 16.86
CA GLU A 372 -6.72 33.79 17.93
C GLU A 372 -7.38 32.55 18.50
N VAL A 373 -7.23 31.46 17.79
CA VAL A 373 -7.76 30.17 18.21
C VAL A 373 -6.74 29.52 19.13
N ASP A 374 -7.26 28.80 20.13
CA ASP A 374 -6.46 27.99 21.06
C ASP A 374 -6.39 26.57 20.53
N PHE A 375 -5.46 26.32 19.62
CA PHE A 375 -5.39 25.00 19.01
C PHE A 375 -4.91 23.94 20.02
N ALA A 376 -3.82 24.22 20.75
CA ALA A 376 -3.34 23.29 21.77
C ALA A 376 -4.44 22.87 22.72
N GLY A 377 -5.26 23.82 23.16
CA GLY A 377 -6.32 23.47 24.09
C GLY A 377 -7.38 22.61 23.45
N TRP A 378 -7.72 22.90 22.20
CA TRP A 378 -8.76 22.14 21.52
C TRP A 378 -8.27 20.73 21.24
N LEU A 379 -6.98 20.59 20.97
CA LEU A 379 -6.43 19.27 20.76
C LEU A 379 -6.46 18.46 22.04
N CYS A 380 -5.86 18.98 23.13
CA CYS A 380 -5.83 18.20 24.36
C CYS A 380 -7.23 17.88 24.88
N SER A 381 -8.19 18.81 24.73
CA SER A 381 -9.55 18.48 25.13
C SER A 381 -10.13 17.31 24.34
N THR A 382 -9.82 17.25 23.04
CA THR A 382 -10.43 16.26 22.18
C THR A 382 -9.92 14.86 22.47
N ILE A 383 -8.59 14.73 22.59
CA ILE A 383 -7.95 13.48 22.97
C ILE A 383 -8.35 13.05 24.37
N GLY A 384 -8.56 14.00 25.27
CA GLY A 384 -8.84 13.70 26.66
C GLY A 384 -7.74 14.05 27.62
N LEU A 385 -6.72 14.78 27.17
CA LEU A 385 -5.56 15.11 27.97
C LEU A 385 -5.84 16.31 28.88
N ASN A 386 -4.92 16.54 29.80
CA ASN A 386 -4.96 17.71 30.66
C ASN A 386 -4.46 18.94 29.88
N GLN A 387 -4.96 20.10 30.28
CA GLN A 387 -4.60 21.36 29.65
C GLN A 387 -3.10 21.65 29.49
N ASP B 8 -12.42 -36.50 7.25
CA ASP B 8 -13.29 -35.62 6.50
C ASP B 8 -13.69 -34.37 7.31
N ASP B 9 -13.06 -34.19 8.49
CA ASP B 9 -13.12 -32.96 9.32
C ASP B 9 -11.68 -32.58 9.68
N TRP B 10 -10.99 -31.89 8.74
CA TRP B 10 -9.57 -31.57 8.88
C TRP B 10 -9.40 -30.34 9.75
N GLU B 11 -9.15 -30.54 11.04
CA GLU B 11 -9.01 -29.39 11.94
C GLU B 11 -7.95 -29.72 12.97
N ILE B 12 -6.89 -28.93 13.01
CA ILE B 12 -5.79 -29.20 13.92
C ILE B 12 -6.08 -28.55 15.26
N PRO B 13 -5.98 -29.27 16.37
CA PRO B 13 -6.21 -28.65 17.68
C PRO B 13 -5.04 -27.81 18.14
N ASP B 14 -5.12 -27.41 19.39
CA ASP B 14 -4.07 -26.60 19.94
C ASP B 14 -2.94 -27.49 20.43
N GLY B 15 -1.84 -26.85 20.81
CA GLY B 15 -0.68 -27.58 21.26
C GLY B 15 -0.09 -28.53 20.25
N GLN B 16 -0.70 -28.69 19.06
CA GLN B 16 -0.11 -29.48 18.00
C GLN B 16 0.88 -28.71 17.14
N ILE B 17 0.84 -27.39 17.16
CA ILE B 17 1.58 -26.58 16.21
C ILE B 17 2.57 -25.75 17.00
N THR B 18 3.86 -26.01 16.80
CA THR B 18 4.88 -25.20 17.46
C THR B 18 5.13 -23.99 16.59
N VAL B 19 4.40 -22.90 16.87
CA VAL B 19 4.59 -21.65 16.15
C VAL B 19 5.95 -21.04 16.50
N GLY B 20 6.73 -20.72 15.47
CA GLY B 20 8.08 -20.22 15.69
C GLY B 20 8.34 -18.81 15.20
N GLN B 21 9.31 -18.63 14.31
CA GLN B 21 9.67 -17.28 13.88
C GLN B 21 8.63 -16.67 12.94
N ARG B 22 8.33 -15.40 13.16
CA ARG B 22 7.55 -14.58 12.23
C ARG B 22 8.34 -14.33 10.96
N ILE B 23 7.74 -14.65 9.81
CA ILE B 23 8.36 -14.53 8.52
C ILE B 23 7.92 -13.26 7.80
N GLY B 24 6.62 -13.09 7.62
CA GLY B 24 6.13 -11.92 6.93
C GLY B 24 4.64 -12.02 6.72
N SER B 25 4.08 -10.90 6.26
CA SER B 25 2.66 -10.81 5.98
C SER B 25 2.47 -10.56 4.49
N GLY B 26 1.25 -10.81 4.00
CA GLY B 26 0.94 -10.62 2.60
C GLY B 26 -0.45 -10.07 2.38
N SER B 27 -1.14 -10.52 1.33
CA SER B 27 -2.43 -9.91 1.02
C SER B 27 -3.52 -10.31 2.00
N PHE B 28 -3.38 -11.45 2.69
CA PHE B 28 -4.49 -11.93 3.51
C PHE B 28 -4.07 -12.67 4.78
N GLY B 29 -2.83 -12.56 5.22
CA GLY B 29 -2.43 -13.20 6.44
C GLY B 29 -0.98 -12.93 6.73
N THR B 30 -0.57 -13.31 7.94
CA THR B 30 0.82 -13.25 8.38
C THR B 30 1.38 -14.65 8.57
N VAL B 31 2.60 -14.88 8.08
CA VAL B 31 3.16 -16.21 7.99
C VAL B 31 4.24 -16.39 9.05
N TYR B 32 4.09 -17.49 9.82
CA TYR B 32 5.08 -17.99 10.78
C TYR B 32 5.54 -19.38 10.36
N LYS B 33 6.84 -19.66 10.61
CA LYS B 33 7.42 -21.00 10.51
C LYS B 33 7.09 -21.81 11.76
N GLY B 34 6.27 -22.85 11.60
CA GLY B 34 5.83 -23.71 12.67
C GLY B 34 6.39 -25.12 12.53
N LYS B 35 5.99 -25.97 13.47
CA LYS B 35 6.35 -27.39 13.48
C LYS B 35 5.07 -28.19 13.65
N TRP B 36 5.02 -29.33 12.96
CA TRP B 36 3.83 -30.17 12.99
C TRP B 36 4.12 -31.41 12.15
N HIS B 37 4.68 -32.43 12.80
CA HIS B 37 5.29 -33.57 12.12
C HIS B 37 6.27 -33.15 11.05
N GLY B 38 7.11 -32.20 11.38
CA GLY B 38 7.98 -31.57 10.42
C GLY B 38 7.66 -30.09 10.28
N ASP B 39 8.62 -29.37 9.70
CA ASP B 39 8.43 -27.96 9.40
C ASP B 39 7.15 -27.72 8.59
N VAL B 40 6.28 -26.81 9.04
CA VAL B 40 5.16 -26.36 8.21
C VAL B 40 5.17 -24.82 8.10
N ALA B 41 4.17 -24.32 7.37
CA ALA B 41 3.95 -22.89 7.18
C ALA B 41 2.63 -22.52 7.83
N VAL B 42 2.69 -21.70 8.87
CA VAL B 42 1.50 -21.25 9.56
C VAL B 42 1.20 -19.81 9.12
N LYS B 43 0.07 -19.65 8.41
CA LYS B 43 -0.42 -18.36 7.96
C LYS B 43 -1.60 -17.99 8.85
N MET B 44 -1.40 -16.95 9.66
CA MET B 44 -2.44 -16.48 10.57
C MET B 44 -3.38 -15.56 9.81
N LEU B 45 -4.52 -16.07 9.39
CA LEU B 45 -5.40 -15.30 8.55
C LEU B 45 -5.77 -13.98 9.22
N ASN B 46 -6.14 -13.00 8.39
CA ASN B 46 -6.58 -11.69 8.88
C ASN B 46 -8.06 -11.70 9.27
N VAL B 47 -8.84 -12.69 8.87
CA VAL B 47 -10.20 -12.85 9.40
C VAL B 47 -10.07 -13.72 10.65
N THR B 48 -9.68 -13.08 11.75
CA THR B 48 -9.51 -13.81 13.01
C THR B 48 -10.85 -14.12 13.69
N ALA B 49 -11.87 -13.29 13.50
CA ALA B 49 -13.19 -13.54 14.07
C ALA B 49 -14.14 -13.83 12.92
N PRO B 50 -14.30 -15.09 12.54
CA PRO B 50 -15.11 -15.42 11.37
C PRO B 50 -16.55 -15.76 11.71
N THR B 51 -17.42 -15.32 10.84
CA THR B 51 -18.83 -15.63 11.07
C THR B 51 -19.12 -17.10 10.78
N PRO B 52 -20.06 -17.70 11.51
CA PRO B 52 -20.43 -19.10 11.24
C PRO B 52 -20.90 -19.36 9.83
N GLN B 53 -21.48 -18.38 9.14
CA GLN B 53 -21.76 -18.61 7.73
C GLN B 53 -20.49 -18.56 6.91
N GLN B 54 -19.59 -17.62 7.24
CA GLN B 54 -18.27 -17.61 6.64
C GLN B 54 -17.51 -18.89 6.99
N LEU B 55 -17.57 -19.30 8.26
CA LEU B 55 -16.76 -20.41 8.74
C LEU B 55 -17.09 -21.72 8.01
N GLN B 56 -18.35 -21.91 7.66
CA GLN B 56 -18.66 -23.16 6.99
C GLN B 56 -18.15 -23.15 5.55
N ALA B 57 -18.19 -22.00 4.88
CA ALA B 57 -17.69 -21.96 3.50
C ALA B 57 -16.18 -22.14 3.47
N PHE B 58 -15.48 -21.74 4.53
CA PHE B 58 -14.04 -21.96 4.62
C PHE B 58 -13.72 -23.43 4.74
N LYS B 59 -14.47 -24.12 5.61
CA LYS B 59 -14.36 -25.56 5.72
C LYS B 59 -14.61 -26.25 4.38
N ASN B 60 -15.68 -25.88 3.69
CA ASN B 60 -15.98 -26.50 2.39
C ASN B 60 -14.82 -26.33 1.42
N GLU B 61 -14.14 -25.17 1.46
CA GLU B 61 -13.06 -24.91 0.51
C GLU B 61 -11.82 -25.70 0.89
N VAL B 62 -11.53 -25.81 2.19
CA VAL B 62 -10.38 -26.60 2.63
C VAL B 62 -10.54 -28.06 2.21
N GLY B 63 -11.77 -28.56 2.22
CA GLY B 63 -12.00 -29.90 1.71
C GLY B 63 -11.52 -30.10 0.28
N VAL B 64 -11.69 -29.09 -0.58
CA VAL B 64 -11.25 -29.28 -1.96
C VAL B 64 -9.76 -29.05 -2.08
N LEU B 65 -9.19 -28.16 -1.27
CA LEU B 65 -7.75 -27.93 -1.34
C LEU B 65 -6.97 -29.08 -0.73
N ARG B 66 -7.61 -29.86 0.14
CA ARG B 66 -6.92 -30.98 0.77
C ARG B 66 -6.75 -32.14 -0.21
N LYS B 67 -7.68 -32.28 -1.15
CA LYS B 67 -7.64 -33.31 -2.20
C LYS B 67 -6.83 -32.87 -3.42
N THR B 68 -5.81 -32.04 -3.25
CA THR B 68 -4.92 -31.61 -4.33
C THR B 68 -3.54 -32.19 -4.08
N ARG B 69 -3.06 -33.01 -5.03
CA ARG B 69 -1.70 -33.60 -4.92
C ARG B 69 -1.01 -33.50 -6.29
N HIS B 70 -0.05 -32.58 -6.44
CA HIS B 70 0.65 -32.40 -7.70
C HIS B 70 2.05 -31.87 -7.48
N VAL B 71 3.00 -32.40 -8.24
CA VAL B 71 4.43 -32.12 -8.06
C VAL B 71 4.75 -30.62 -8.01
N ASN B 72 3.90 -29.76 -8.59
CA ASN B 72 4.17 -28.32 -8.67
C ASN B 72 3.22 -27.51 -7.80
N ILE B 73 2.51 -28.16 -6.89
CA ILE B 73 1.55 -27.56 -6.00
C ILE B 73 2.05 -27.71 -4.57
N LEU B 74 1.95 -26.66 -3.77
CA LEU B 74 2.29 -26.78 -2.35
C LEU B 74 1.22 -27.51 -1.60
N LEU B 75 1.67 -28.48 -0.78
CA LEU B 75 0.72 -29.35 -0.04
C LEU B 75 -0.10 -28.57 0.98
N PHE B 76 -1.42 -28.60 0.82
CA PHE B 76 -2.33 -27.96 1.74
C PHE B 76 -2.69 -28.99 2.79
N MET B 77 -2.27 -28.72 4.03
CA MET B 77 -2.37 -29.74 5.06
C MET B 77 -3.65 -29.63 5.88
N GLY B 78 -4.24 -28.45 6.02
CA GLY B 78 -5.42 -28.27 6.84
C GLY B 78 -5.38 -26.91 7.54
N TYR B 79 -6.18 -26.74 8.60
CA TYR B 79 -6.28 -25.45 9.29
C TYR B 79 -6.40 -25.64 10.79
N SER B 80 -6.50 -24.51 11.50
CA SER B 80 -6.73 -24.52 12.92
C SER B 80 -7.58 -23.31 13.29
N THR B 81 -8.18 -23.36 14.47
CA THR B 81 -9.00 -22.23 14.90
C THR B 81 -8.85 -21.93 16.38
N LYS B 82 -7.87 -22.50 17.05
CA LYS B 82 -7.88 -22.48 18.50
C LYS B 82 -7.31 -21.16 18.97
N PRO B 83 -6.06 -20.83 18.67
CA PRO B 83 -5.58 -19.50 19.07
C PRO B 83 -6.32 -18.46 18.24
N GLN B 84 -6.26 -18.65 16.93
CA GLN B 84 -7.02 -17.87 15.97
C GLN B 84 -7.09 -18.69 14.70
N LEU B 85 -7.93 -18.25 13.77
CA LEU B 85 -8.08 -18.98 12.53
C LEU B 85 -6.77 -18.92 11.73
N ALA B 86 -6.33 -20.08 11.24
CA ALA B 86 -5.03 -20.16 10.57
C ALA B 86 -5.03 -21.23 9.50
N ILE B 87 -3.90 -21.34 8.82
CA ILE B 87 -3.72 -22.20 7.64
C ILE B 87 -2.35 -22.86 7.79
N VAL B 88 -2.31 -24.16 7.50
CA VAL B 88 -1.08 -24.95 7.62
C VAL B 88 -0.79 -25.60 6.28
N THR B 89 0.36 -25.26 5.70
CA THR B 89 0.77 -25.73 4.39
C THR B 89 2.23 -26.17 4.48
N GLN B 90 2.66 -26.85 3.43
CA GLN B 90 4.03 -27.33 3.35
C GLN B 90 5.00 -26.16 3.42
N TRP B 91 6.06 -26.32 4.21
CA TRP B 91 7.12 -25.32 4.31
C TRP B 91 8.11 -25.53 3.17
N CYS B 92 8.56 -24.46 2.54
CA CYS B 92 9.49 -24.59 1.43
C CYS B 92 10.82 -23.94 1.78
N GLU B 93 11.90 -24.69 1.62
CA GLU B 93 13.21 -24.09 1.70
C GLU B 93 13.48 -23.26 0.43
N GLY B 94 14.56 -22.51 0.44
CA GLY B 94 14.86 -21.77 -0.76
C GLY B 94 13.92 -20.62 -1.03
N SER B 95 14.31 -19.69 -1.88
CA SER B 95 13.53 -18.47 -2.02
C SER B 95 12.39 -18.64 -3.02
N SER B 96 11.45 -17.69 -2.96
CA SER B 96 10.45 -17.57 -3.99
C SER B 96 11.04 -16.98 -5.27
N LEU B 97 10.28 -17.15 -6.34
CA LEU B 97 10.67 -16.68 -7.65
C LEU B 97 10.78 -15.17 -7.66
N TYR B 98 9.98 -14.51 -6.84
CA TYR B 98 10.15 -13.07 -6.71
C TYR B 98 11.49 -12.75 -6.08
N HIS B 99 11.88 -13.50 -5.04
CA HIS B 99 13.19 -13.26 -4.47
C HIS B 99 14.29 -13.41 -5.52
N HIS B 100 14.30 -14.53 -6.23
CA HIS B 100 15.30 -14.77 -7.27
C HIS B 100 15.37 -13.66 -8.30
N LEU B 101 14.23 -13.18 -8.79
CA LEU B 101 14.31 -12.32 -9.96
C LEU B 101 14.60 -10.88 -9.56
N HIS B 102 14.10 -10.45 -8.42
CA HIS B 102 14.08 -9.03 -8.10
C HIS B 102 14.86 -8.66 -6.85
N ILE B 103 15.35 -9.64 -6.09
CA ILE B 103 16.15 -9.36 -4.90
C ILE B 103 17.55 -9.96 -5.05
N ILE B 104 17.63 -11.28 -5.20
CA ILE B 104 18.92 -11.91 -5.39
C ILE B 104 19.49 -11.67 -6.78
N GLU B 105 18.63 -11.32 -7.74
CA GLU B 105 18.98 -11.19 -9.15
C GLU B 105 19.75 -12.40 -9.70
N THR B 106 19.30 -13.60 -9.33
CA THR B 106 19.85 -14.85 -9.87
C THR B 106 19.93 -14.83 -11.39
N LYS B 107 21.02 -15.35 -11.92
CA LYS B 107 21.29 -15.36 -13.36
C LYS B 107 21.04 -16.77 -13.93
N PHE B 108 19.78 -17.05 -14.28
CA PHE B 108 19.45 -18.30 -14.94
C PHE B 108 19.73 -18.21 -16.45
N GLU B 109 19.76 -19.37 -17.09
CA GLU B 109 19.84 -19.46 -18.55
C GLU B 109 18.46 -19.58 -19.16
N MET B 110 18.35 -19.23 -20.46
CA MET B 110 17.01 -19.22 -21.07
C MET B 110 16.38 -20.59 -21.02
N ILE B 111 17.19 -21.64 -20.98
CA ILE B 111 16.66 -22.98 -20.81
C ILE B 111 15.96 -23.09 -19.47
N LYS B 112 16.60 -22.66 -18.40
CA LYS B 112 16.02 -22.87 -17.09
C LYS B 112 14.89 -21.89 -16.82
N LEU B 113 15.00 -20.66 -17.34
CA LEU B 113 13.87 -19.75 -17.34
C LEU B 113 12.66 -20.39 -17.99
N ILE B 114 12.83 -20.96 -19.19
CA ILE B 114 11.70 -21.58 -19.87
C ILE B 114 11.20 -22.76 -19.06
N ASP B 115 12.10 -23.45 -18.37
CA ASP B 115 11.68 -24.58 -17.57
C ASP B 115 10.82 -24.13 -16.41
N ILE B 116 11.20 -23.04 -15.76
CA ILE B 116 10.36 -22.45 -14.70
C ILE B 116 8.97 -22.17 -15.23
N ALA B 117 8.88 -21.60 -16.44
CA ALA B 117 7.58 -21.31 -17.04
C ALA B 117 6.78 -22.57 -17.25
N ARG B 118 7.44 -23.64 -17.69
CA ARG B 118 6.76 -24.87 -18.01
C ARG B 118 6.13 -25.51 -16.77
N GLN B 119 6.88 -25.65 -15.68
CA GLN B 119 6.31 -26.31 -14.51
C GLN B 119 5.24 -25.45 -13.88
N THR B 120 5.36 -24.13 -13.98
CA THR B 120 4.29 -23.28 -13.52
C THR B 120 3.01 -23.56 -14.28
N ALA B 121 3.10 -23.56 -15.62
CA ALA B 121 1.93 -23.86 -16.40
C ALA B 121 1.44 -25.26 -16.12
N GLN B 122 2.36 -26.18 -15.82
CA GLN B 122 1.98 -27.54 -15.45
C GLN B 122 1.07 -27.57 -14.23
N GLY B 123 1.47 -26.93 -13.16
CA GLY B 123 0.67 -26.96 -11.95
C GLY B 123 -0.62 -26.21 -12.10
N MET B 124 -0.58 -25.08 -12.85
CA MET B 124 -1.79 -24.29 -13.07
C MET B 124 -2.80 -25.11 -13.84
N ASP B 125 -2.34 -25.82 -14.86
CA ASP B 125 -3.22 -26.71 -15.60
C ASP B 125 -3.88 -27.75 -14.68
N TYR B 126 -3.13 -28.29 -13.71
CA TYR B 126 -3.74 -29.21 -12.76
C TYR B 126 -4.80 -28.52 -11.92
N LEU B 127 -4.53 -27.29 -11.49
CA LEU B 127 -5.48 -26.58 -10.64
C LEU B 127 -6.76 -26.28 -11.39
N HIS B 128 -6.63 -25.87 -12.65
CA HIS B 128 -7.81 -25.59 -13.46
C HIS B 128 -8.52 -26.88 -13.84
N ALA B 129 -7.76 -27.98 -13.94
CA ALA B 129 -8.36 -29.26 -14.23
C ALA B 129 -9.28 -29.68 -13.11
N LYS B 130 -8.96 -29.28 -11.89
CA LYS B 130 -9.80 -29.52 -10.74
C LYS B 130 -10.66 -28.31 -10.40
N SER B 131 -10.88 -27.41 -11.37
CA SER B 131 -11.80 -26.28 -11.22
C SER B 131 -11.43 -25.40 -10.02
N ILE B 132 -10.17 -25.02 -9.95
CA ILE B 132 -9.66 -24.23 -8.85
C ILE B 132 -9.06 -22.96 -9.43
N ILE B 133 -9.62 -21.82 -9.04
CA ILE B 133 -9.06 -20.53 -9.46
C ILE B 133 -8.07 -20.09 -8.39
N HIS B 134 -6.85 -19.82 -8.82
CA HIS B 134 -5.79 -19.44 -7.88
C HIS B 134 -6.11 -18.11 -7.21
N ARG B 135 -6.46 -17.08 -7.99
CA ARG B 135 -6.87 -15.75 -7.54
C ARG B 135 -5.71 -14.88 -7.13
N ASP B 136 -4.51 -15.41 -7.09
CA ASP B 136 -3.41 -14.63 -6.55
C ASP B 136 -2.08 -15.15 -7.10
N LEU B 137 -2.06 -15.51 -8.37
CA LEU B 137 -0.82 -16.02 -8.96
C LEU B 137 0.19 -14.89 -9.15
N LYS B 138 1.37 -15.06 -8.56
CA LYS B 138 2.44 -14.11 -8.69
C LYS B 138 3.74 -14.82 -8.37
N SER B 139 4.84 -14.18 -8.71
CA SER B 139 6.15 -14.79 -8.50
C SER B 139 6.46 -14.91 -7.02
N ASN B 140 5.73 -14.18 -6.17
CA ASN B 140 5.78 -14.36 -4.73
C ASN B 140 5.20 -15.71 -4.27
N ASN B 141 4.29 -16.28 -5.05
CA ASN B 141 3.60 -17.50 -4.67
C ASN B 141 4.11 -18.70 -5.46
N ILE B 142 5.30 -18.55 -6.03
CA ILE B 142 5.98 -19.59 -6.78
C ILE B 142 7.34 -19.75 -6.11
N PHE B 143 7.56 -20.91 -5.49
CA PHE B 143 8.80 -21.18 -4.79
C PHE B 143 9.60 -22.16 -5.60
N LEU B 144 10.91 -22.01 -5.56
CA LEU B 144 11.79 -22.87 -6.32
C LEU B 144 12.43 -23.88 -5.36
N HIS B 145 11.80 -25.03 -5.20
CA HIS B 145 12.16 -25.97 -4.14
C HIS B 145 13.44 -26.72 -4.52
N GLU B 146 14.51 -26.47 -3.76
CA GLU B 146 15.83 -27.06 -3.96
C GLU B 146 16.44 -26.67 -5.31
N ASP B 147 16.17 -25.44 -5.73
CA ASP B 147 16.69 -24.87 -6.99
C ASP B 147 16.32 -25.75 -8.20
N LEU B 148 15.14 -26.33 -8.17
CA LEU B 148 14.78 -27.31 -9.18
C LEU B 148 13.30 -27.19 -9.50
N THR B 149 12.49 -27.91 -8.75
CA THR B 149 11.07 -28.01 -9.00
C THR B 149 10.34 -26.74 -8.62
N VAL B 150 9.29 -26.42 -9.35
CA VAL B 150 8.45 -25.26 -9.04
C VAL B 150 7.30 -25.72 -8.17
N LYS B 151 6.99 -24.92 -7.17
CA LYS B 151 5.88 -25.19 -6.28
C LYS B 151 5.06 -23.92 -6.16
N ILE B 152 3.75 -24.04 -6.46
CA ILE B 152 2.80 -22.93 -6.43
C ILE B 152 1.99 -23.03 -5.14
N GLY B 153 1.89 -21.92 -4.40
CA GLY B 153 1.11 -21.90 -3.18
C GLY B 153 0.13 -20.73 -3.16
N ASP B 154 -0.54 -20.58 -2.02
CA ASP B 154 -1.49 -19.49 -1.80
C ASP B 154 -2.59 -19.53 -2.84
N PHE B 155 -3.01 -20.73 -3.22
CA PHE B 155 -4.03 -20.81 -4.24
C PHE B 155 -5.41 -20.90 -3.60
N GLY B 156 -6.44 -20.65 -4.40
CA GLY B 156 -7.79 -20.68 -3.88
C GLY B 156 -8.04 -19.73 -2.72
N LEU B 157 -8.83 -20.21 -1.76
CA LEU B 157 -9.10 -19.52 -0.48
C LEU B 157 -9.95 -18.27 -0.69
N ALA B 158 -10.89 -18.33 -1.63
CA ALA B 158 -11.73 -17.18 -1.94
C ALA B 158 -12.51 -16.67 -0.74
N THR B 159 -12.66 -17.46 0.30
CA THR B 159 -13.56 -17.08 1.38
C THR B 159 -12.85 -16.36 2.50
N VAL B 160 -11.55 -16.60 2.68
CA VAL B 160 -10.78 -15.91 3.71
C VAL B 160 -10.09 -14.70 3.11
N LYS B 161 -10.47 -14.40 1.88
CA LYS B 161 -10.16 -13.15 1.22
C LYS B 161 -11.46 -12.38 1.03
N SER B 162 -11.44 -11.10 1.43
CA SER B 162 -12.62 -10.23 1.45
C SER B 162 -13.52 -10.55 2.64
N ARG B 163 -13.61 -9.60 3.57
CA ARG B 163 -14.53 -9.71 4.68
C ARG B 163 -15.92 -10.08 4.19
N TRP B 164 -16.65 -10.77 5.06
CA TRP B 164 -18.05 -11.06 4.79
C TRP B 164 -18.95 -10.07 5.55
N SER B 165 -20.13 -9.83 4.98
CA SER B 165 -21.18 -9.03 5.60
C SER B 165 -21.83 -9.81 6.72
N GLY B 166 -22.62 -10.81 6.35
CA GLY B 166 -23.18 -11.76 7.30
C GLY B 166 -23.51 -13.06 6.58
N SER B 167 -23.89 -12.95 5.32
CA SER B 167 -24.14 -14.11 4.48
C SER B 167 -23.71 -13.83 3.04
N HIS B 168 -23.30 -12.60 2.75
CA HIS B 168 -22.82 -12.19 1.44
C HIS B 168 -21.28 -12.09 1.47
N GLN B 169 -20.68 -11.96 0.29
CA GLN B 169 -19.25 -11.69 0.21
C GLN B 169 -18.98 -10.92 -1.06
N PHE B 170 -18.16 -9.86 -0.95
CA PHE B 170 -17.77 -9.06 -2.11
C PHE B 170 -16.28 -8.82 -2.05
N GLU B 171 -15.54 -9.37 -3.02
CA GLU B 171 -14.08 -9.30 -2.97
C GLU B 171 -13.64 -7.85 -2.99
N GLN B 172 -13.40 -7.28 -1.81
CA GLN B 172 -12.56 -6.09 -1.80
C GLN B 172 -11.27 -6.49 -2.47
N LEU B 173 -11.00 -5.87 -3.62
CA LEU B 173 -9.78 -6.07 -4.36
C LEU B 173 -8.61 -6.01 -3.40
N SER B 174 -7.96 -7.15 -3.20
CA SER B 174 -6.75 -7.18 -2.40
C SER B 174 -5.78 -8.13 -3.07
N GLY B 175 -4.51 -7.93 -2.74
CA GLY B 175 -3.41 -8.53 -3.46
C GLY B 175 -2.52 -7.44 -3.99
N SER B 176 -1.48 -7.85 -4.70
CA SER B 176 -0.67 -6.86 -5.38
C SER B 176 -1.27 -6.61 -6.75
N ILE B 177 -1.30 -5.34 -7.15
CA ILE B 177 -2.07 -4.94 -8.32
C ILE B 177 -1.38 -5.24 -9.64
N LEU B 178 -0.08 -5.56 -9.60
CA LEU B 178 0.70 -5.78 -10.81
C LEU B 178 0.24 -7.01 -11.58
N TRP B 179 -0.28 -8.05 -10.90
CA TRP B 179 -0.69 -9.26 -11.59
C TRP B 179 -2.17 -9.33 -11.88
N MET B 180 -2.93 -8.30 -11.51
CA MET B 180 -4.38 -8.36 -11.64
C MET B 180 -4.81 -8.05 -13.05
N ALA B 181 -5.67 -8.89 -13.60
CA ALA B 181 -6.26 -8.61 -14.89
C ALA B 181 -7.13 -7.36 -14.79
N PRO B 182 -7.26 -6.60 -15.91
CA PRO B 182 -8.09 -5.39 -15.89
C PRO B 182 -9.52 -5.60 -15.44
N GLU B 183 -10.15 -6.71 -15.84
CA GLU B 183 -11.51 -6.99 -15.40
C GLU B 183 -11.55 -7.24 -13.91
N VAL B 184 -10.48 -7.82 -13.35
CA VAL B 184 -10.33 -7.94 -11.91
C VAL B 184 -10.16 -6.55 -11.29
N ILE B 185 -9.25 -5.74 -11.83
CA ILE B 185 -9.10 -4.37 -11.32
C ILE B 185 -10.46 -3.70 -11.17
N ARG B 186 -11.29 -3.73 -12.23
CA ARG B 186 -12.52 -2.94 -12.24
C ARG B 186 -13.55 -3.46 -11.27
N MET B 187 -13.55 -4.77 -11.03
CA MET B 187 -14.39 -5.42 -10.00
C MET B 187 -15.86 -5.18 -10.28
N GLN B 188 -16.21 -5.10 -11.57
CA GLN B 188 -17.56 -4.80 -12.00
C GLN B 188 -17.97 -5.74 -13.11
N ASP B 189 -17.80 -7.03 -12.87
CA ASP B 189 -18.20 -8.06 -13.83
C ASP B 189 -18.59 -9.33 -13.07
N LYS B 190 -19.55 -9.17 -12.15
CA LYS B 190 -20.14 -10.22 -11.33
C LYS B 190 -19.12 -11.19 -10.72
N ASN B 191 -18.45 -11.98 -11.56
CA ASN B 191 -17.40 -12.93 -11.15
C ASN B 191 -16.12 -12.57 -11.90
N PRO B 192 -15.26 -11.70 -11.33
CA PRO B 192 -14.09 -11.22 -12.08
C PRO B 192 -13.00 -12.27 -12.17
N TYR B 193 -12.79 -12.94 -11.04
CA TYR B 193 -11.78 -13.98 -10.95
C TYR B 193 -12.21 -15.17 -11.78
N SER B 194 -11.43 -15.52 -12.80
CA SER B 194 -11.77 -16.59 -13.74
C SER B 194 -10.52 -17.32 -14.16
N PHE B 195 -10.68 -18.35 -14.95
CA PHE B 195 -9.50 -19.02 -15.47
C PHE B 195 -8.63 -18.06 -16.26
N GLN B 196 -9.24 -17.10 -16.95
CA GLN B 196 -8.46 -16.19 -17.79
C GLN B 196 -7.84 -15.06 -16.99
N SER B 197 -8.35 -14.80 -15.79
CA SER B 197 -7.67 -13.87 -14.92
C SER B 197 -6.37 -14.49 -14.37
N ASP B 198 -6.38 -15.80 -14.07
CA ASP B 198 -5.12 -16.46 -13.75
C ASP B 198 -4.16 -16.41 -14.92
N VAL B 199 -4.64 -16.76 -16.11
CA VAL B 199 -3.84 -16.69 -17.33
C VAL B 199 -3.21 -15.31 -17.50
N TYR B 200 -3.95 -14.26 -17.18
CA TYR B 200 -3.36 -12.93 -17.24
C TYR B 200 -2.22 -12.80 -16.25
N ALA B 201 -2.41 -13.36 -15.05
CA ALA B 201 -1.39 -13.29 -14.01
C ALA B 201 -0.14 -14.01 -14.48
N PHE B 202 -0.32 -15.26 -14.90
CA PHE B 202 0.71 -16.03 -15.56
C PHE B 202 1.39 -15.28 -16.69
N GLY B 203 0.62 -14.50 -17.48
CA GLY B 203 1.26 -13.65 -18.46
C GLY B 203 2.26 -12.70 -17.83
N ILE B 204 1.90 -12.07 -16.69
CA ILE B 204 2.80 -11.11 -16.04
C ILE B 204 4.03 -11.81 -15.51
N VAL B 205 3.84 -12.99 -14.91
CA VAL B 205 4.98 -13.80 -14.52
C VAL B 205 5.91 -14.09 -15.71
N LEU B 206 5.36 -14.49 -16.87
CA LEU B 206 6.18 -14.51 -18.09
C LEU B 206 6.91 -13.20 -18.28
N TYR B 207 6.25 -12.07 -18.09
CA TYR B 207 6.96 -10.83 -18.30
C TYR B 207 8.12 -10.71 -17.33
N GLU B 208 7.93 -11.18 -16.09
CA GLU B 208 9.02 -11.17 -15.12
C GLU B 208 10.17 -12.04 -15.59
N LEU B 209 9.88 -13.28 -15.99
CA LEU B 209 10.89 -14.17 -16.53
C LEU B 209 11.62 -13.58 -17.74
N MET B 210 10.88 -12.96 -18.64
CA MET B 210 11.51 -12.58 -19.88
C MET B 210 12.20 -11.23 -19.82
N THR B 211 11.85 -10.37 -18.87
CA THR B 211 12.47 -9.06 -18.81
C THR B 211 13.34 -8.84 -17.60
N GLY B 212 13.22 -9.69 -16.57
CA GLY B 212 13.92 -9.50 -15.33
C GLY B 212 13.47 -8.31 -14.54
N GLN B 213 12.41 -7.66 -14.97
CA GLN B 213 11.86 -6.49 -14.33
C GLN B 213 10.41 -6.78 -13.96
N LEU B 214 9.88 -5.98 -13.05
CA LEU B 214 8.45 -5.92 -12.91
C LEU B 214 7.84 -4.97 -13.96
N PRO B 215 6.56 -5.17 -14.28
CA PRO B 215 5.89 -4.30 -15.22
C PRO B 215 5.73 -2.89 -14.69
N TYR B 216 5.52 -1.97 -15.64
CA TYR B 216 5.29 -0.57 -15.35
C TYR B 216 6.44 0.01 -14.55
N SER B 217 7.67 -0.21 -15.04
CA SER B 217 8.88 0.21 -14.36
C SER B 217 9.04 1.72 -14.30
N ASN B 218 8.41 2.44 -15.20
CA ASN B 218 8.46 3.88 -15.28
C ASN B 218 7.34 4.58 -14.50
N ILE B 219 6.37 3.83 -13.98
CA ILE B 219 5.24 4.38 -13.22
C ILE B 219 5.47 4.09 -11.75
N ASN B 220 5.42 5.13 -10.93
CA ASN B 220 5.63 4.99 -9.50
C ASN B 220 4.46 5.54 -8.70
N ASN B 221 3.25 5.39 -9.22
CA ASN B 221 2.01 5.81 -8.56
C ASN B 221 1.08 4.61 -8.53
N ARG B 222 0.77 4.12 -7.33
CA ARG B 222 -0.05 2.91 -7.22
C ARG B 222 -1.41 3.12 -7.87
N ASP B 223 -2.10 4.21 -7.51
CA ASP B 223 -3.46 4.44 -7.99
C ASP B 223 -3.51 4.78 -9.50
N GLN B 224 -2.45 5.40 -10.02
CA GLN B 224 -2.34 5.57 -11.48
C GLN B 224 -2.36 4.24 -12.19
N ILE B 225 -1.58 3.26 -11.70
CA ILE B 225 -1.64 1.96 -12.34
C ILE B 225 -3.06 1.41 -12.28
N ILE B 226 -3.71 1.55 -11.12
CA ILE B 226 -5.00 0.93 -10.89
C ILE B 226 -6.01 1.47 -11.88
N PHE B 227 -6.03 2.80 -12.02
CA PHE B 227 -6.95 3.44 -12.94
C PHE B 227 -6.61 3.11 -14.39
N MET B 228 -5.40 3.42 -14.82
CA MET B 228 -5.06 3.21 -16.24
C MET B 228 -5.16 1.75 -16.64
N VAL B 229 -4.72 0.82 -15.81
CA VAL B 229 -4.79 -0.57 -16.23
C VAL B 229 -6.24 -1.01 -16.31
N GLY B 230 -7.08 -0.43 -15.45
CA GLY B 230 -8.47 -0.84 -15.40
C GLY B 230 -9.27 -0.30 -16.55
N ARG B 231 -8.91 0.88 -17.02
CA ARG B 231 -9.52 1.55 -18.16
C ARG B 231 -8.91 1.14 -19.49
N GLY B 232 -8.11 0.08 -19.55
CA GLY B 232 -7.39 -0.28 -20.74
C GLY B 232 -6.33 0.68 -21.26
N TYR B 233 -5.98 1.76 -20.55
CA TYR B 233 -4.98 2.68 -21.11
C TYR B 233 -3.55 2.20 -20.92
N LEU B 234 -3.28 1.38 -19.91
CA LEU B 234 -1.93 0.96 -19.58
C LEU B 234 -1.78 -0.53 -19.81
N SER B 235 -0.65 -0.89 -20.41
CA SER B 235 -0.32 -2.24 -20.78
C SER B 235 1.17 -2.43 -20.59
N PRO B 236 1.59 -3.63 -20.22
CA PRO B 236 3.02 -3.90 -20.05
C PRO B 236 3.80 -3.57 -21.31
N ASP B 237 4.85 -2.78 -21.15
CA ASP B 237 5.71 -2.42 -22.26
C ASP B 237 6.56 -3.62 -22.69
N LEU B 238 6.03 -4.43 -23.62
CA LEU B 238 6.78 -5.62 -24.06
C LEU B 238 8.11 -5.32 -24.71
N SER B 239 8.44 -4.05 -24.94
CA SER B 239 9.74 -3.73 -25.50
C SER B 239 10.88 -4.22 -24.63
N LYS B 240 10.60 -4.40 -23.34
CA LYS B 240 11.64 -4.67 -22.34
C LYS B 240 12.05 -6.12 -22.33
N VAL B 241 11.52 -6.93 -23.24
CA VAL B 241 11.93 -8.34 -23.32
C VAL B 241 13.36 -8.43 -23.80
N ARG B 242 14.12 -9.33 -23.18
CA ARG B 242 15.53 -9.53 -23.49
C ARG B 242 15.70 -9.93 -24.94
N SER B 243 16.90 -9.73 -25.46
CA SER B 243 17.15 -10.02 -26.86
C SER B 243 17.21 -11.52 -27.11
N ASN B 244 17.75 -12.28 -26.16
CA ASN B 244 17.90 -13.72 -26.27
C ASN B 244 16.58 -14.47 -26.09
N CYS B 245 15.49 -13.79 -26.00
CA CYS B 245 14.25 -14.48 -25.69
C CYS B 245 13.55 -14.99 -26.96
N PRO B 246 13.11 -16.25 -27.00
CA PRO B 246 12.44 -16.78 -28.20
C PRO B 246 11.24 -15.97 -28.67
N LYS B 247 11.11 -15.86 -30.00
CA LYS B 247 9.94 -15.19 -30.56
C LYS B 247 8.65 -15.92 -30.17
N ALA B 248 8.63 -17.26 -30.27
CA ALA B 248 7.41 -17.98 -29.93
C ALA B 248 7.05 -17.81 -28.47
N MET B 249 8.02 -17.39 -27.66
CA MET B 249 7.79 -17.06 -26.26
C MET B 249 7.13 -15.70 -26.10
N LYS B 250 7.68 -14.68 -26.75
CA LYS B 250 7.08 -13.36 -26.65
C LYS B 250 5.63 -13.37 -27.14
N ARG B 251 5.34 -14.13 -28.19
CA ARG B 251 3.98 -14.13 -28.71
C ARG B 251 3.02 -14.73 -27.71
N LEU B 252 3.47 -15.77 -27.02
CA LEU B 252 2.62 -16.41 -26.04
C LEU B 252 2.34 -15.46 -24.90
N MET B 253 3.37 -14.78 -24.43
CA MET B 253 3.15 -13.84 -23.36
C MET B 253 2.05 -12.87 -23.74
N ALA B 254 2.04 -12.42 -25.00
CA ALA B 254 1.11 -11.38 -25.41
C ALA B 254 -0.31 -11.91 -25.49
N GLU B 255 -0.51 -13.17 -25.87
CA GLU B 255 -1.84 -13.73 -25.86
C GLU B 255 -2.43 -13.88 -24.46
N CYS B 256 -1.57 -14.03 -23.43
CA CYS B 256 -2.09 -14.12 -22.07
C CYS B 256 -2.50 -12.78 -21.51
N LEU B 257 -1.93 -11.71 -22.05
CA LEU B 257 -2.11 -10.40 -21.46
C LEU B 257 -3.20 -9.58 -22.17
N LYS B 258 -4.00 -10.22 -23.04
CA LYS B 258 -5.02 -9.51 -23.79
C LYS B 258 -6.00 -8.83 -22.84
N LYS B 259 -6.38 -7.60 -23.17
CA LYS B 259 -7.22 -6.83 -22.24
C LYS B 259 -8.58 -7.51 -22.05
N LYS B 260 -9.15 -8.06 -23.11
CA LYS B 260 -10.47 -8.68 -23.02
C LYS B 260 -10.28 -10.15 -22.68
N ARG B 261 -10.83 -10.56 -21.54
CA ARG B 261 -10.47 -11.87 -21.03
C ARG B 261 -10.85 -12.99 -21.98
N ASP B 262 -11.77 -12.74 -22.91
CA ASP B 262 -12.23 -13.85 -23.74
C ASP B 262 -11.20 -14.21 -24.80
N GLU B 263 -10.28 -13.31 -25.10
CA GLU B 263 -9.24 -13.57 -26.07
C GLU B 263 -8.05 -14.34 -25.51
N ARG B 264 -7.95 -14.48 -24.20
CA ARG B 264 -6.79 -15.12 -23.63
C ARG B 264 -6.91 -16.65 -23.75
N PRO B 265 -5.79 -17.35 -23.94
CA PRO B 265 -5.82 -18.82 -23.98
C PRO B 265 -5.99 -19.48 -22.63
N LEU B 266 -6.46 -20.71 -22.68
CA LEU B 266 -6.52 -21.48 -21.45
C LEU B 266 -5.26 -22.31 -21.29
N PHE B 267 -5.05 -22.80 -20.08
CA PHE B 267 -3.75 -23.40 -19.80
C PHE B 267 -3.44 -24.60 -20.66
N PRO B 268 -4.37 -25.50 -20.95
CA PRO B 268 -4.04 -26.60 -21.84
C PRO B 268 -3.32 -26.14 -23.11
N GLN B 269 -3.81 -25.08 -23.74
CA GLN B 269 -3.12 -24.60 -24.93
C GLN B 269 -1.81 -23.90 -24.57
N ILE B 270 -1.77 -23.22 -23.41
CA ILE B 270 -0.57 -22.46 -23.03
C ILE B 270 0.58 -23.42 -22.75
N LEU B 271 0.30 -24.46 -21.98
CA LEU B 271 1.30 -25.46 -21.64
C LEU B 271 1.84 -26.12 -22.91
N ALA B 272 0.96 -26.42 -23.87
CA ALA B 272 1.42 -27.05 -25.10
C ALA B 272 2.42 -26.16 -25.82
N SER B 273 2.18 -24.85 -25.85
CA SER B 273 3.09 -23.98 -26.56
C SER B 273 4.48 -23.99 -25.94
N ILE B 274 4.54 -24.11 -24.60
CA ILE B 274 5.85 -23.98 -23.94
C ILE B 274 6.70 -25.20 -24.22
N GLU B 275 6.10 -26.39 -24.13
CA GLU B 275 6.79 -27.64 -24.47
C GLU B 275 7.23 -27.67 -25.92
N LEU B 276 6.38 -27.21 -26.84
CA LEU B 276 6.76 -27.13 -28.23
C LEU B 276 7.99 -26.24 -28.42
N LEU B 277 8.01 -25.06 -27.80
CA LEU B 277 9.16 -24.21 -28.04
C LEU B 277 10.36 -24.61 -27.20
N ALA B 278 10.15 -25.43 -26.17
CA ALA B 278 11.27 -25.99 -25.41
C ALA B 278 12.09 -26.94 -26.25
N ARG B 279 11.43 -27.71 -27.11
CA ARG B 279 12.15 -28.56 -28.06
C ARG B 279 12.89 -27.69 -29.07
N SER B 280 12.16 -26.87 -29.83
CA SER B 280 12.73 -26.07 -30.89
C SER B 280 13.79 -25.12 -30.34
N LEU B 281 14.80 -25.66 -29.67
CA LEU B 281 15.74 -24.82 -28.95
C LEU B 281 17.19 -25.25 -29.17
PG ANP C . -0.34 4.65 4.74
O1G ANP C . 0.47 5.82 4.24
O2G ANP C . -1.33 4.20 3.60
O3G ANP C . 0.60 3.44 5.19
PB ANP C . -0.59 5.86 7.32
O1B ANP C . -0.05 7.19 6.87
O2B ANP C . -1.69 6.05 8.42
N3B ANP C . -1.34 5.08 6.04
PA ANP C . 1.96 5.62 8.55
O1A ANP C . 3.06 4.82 7.98
O2A ANP C . 2.07 7.14 8.21
O3A ANP C . 0.58 5.02 7.95
O5' ANP C . 1.92 5.35 10.13
C5' ANP C . 0.69 4.99 10.83
C4' ANP C . 0.34 5.96 11.95
O4' ANP C . 1.54 6.28 12.69
C3' ANP C . -0.24 7.31 11.54
O3' ANP C . -1.66 7.36 11.40
C2' ANP C . 0.15 8.22 12.72
O2' ANP C . -0.88 8.20 13.70
C1' ANP C . 1.37 7.52 13.33
N9 ANP C . 2.62 8.28 13.25
C8 ANP C . 3.55 8.32 12.23
N7 ANP C . 4.58 9.09 12.48
C5 ANP C . 4.32 9.59 13.75
C6 ANP C . 5.03 10.47 14.61
N6 ANP C . 6.20 11.02 14.28
N1 ANP C . 4.49 10.75 15.81
C2 ANP C . 3.31 10.20 16.14
N3 ANP C . 2.54 9.36 15.42
C4 ANP C . 3.10 9.09 14.24
MG MG D . 2.03 8.11 5.85
C10 QOA E . 9.23 9.08 3.25
C11 QOA E . 8.40 8.28 2.52
C01 QOA E . 9.93 12.64 5.69
C02 QOA E . 9.70 11.54 4.87
C03 QOA E . 9.35 10.34 5.43
C04 QOA E . 9.24 10.25 6.78
C05 QOA E . 9.46 11.32 7.59
C06 QOA E . 9.81 12.51 7.06
C12 QOA E . 8.55 8.24 1.15
C13 QOA E . 9.54 8.97 0.57
C15 QOA E . 10.20 9.80 2.61
C16 QOA E . 7.32 7.47 3.19
C19 QOA E . 5.12 6.32 2.96
C20 QOA E . 5.68 5.19 3.77
C21 QOA E . 5.49 5.53 5.24
F08 QOA E . 8.89 9.08 7.31
I07 QOA E . 10.11 14.07 8.38
N09 QOA E . 9.09 9.14 4.68
N14 QOA E . 10.31 9.71 1.31
N18 QOA E . 6.20 7.07 2.39
O17 QOA E . 7.40 7.20 4.31
O22 QOA E . 4.12 5.51 5.53
O23 QOA E . 4.91 4.08 3.46
PG ANP F . 0.35 -13.28 -0.85
O1G ANP F . -0.41 -12.99 0.39
O2G ANP F . 0.93 -14.73 -0.96
O3G ANP F . -0.71 -13.04 -1.97
PB ANP F . 3.00 -12.86 -0.32
O1B ANP F . 3.05 -14.25 -0.81
O2B ANP F . 4.22 -11.99 -0.64
N3B ANP F . 1.63 -12.15 -0.96
PA ANP F . 2.74 -14.29 2.09
O1A ANP F . 2.11 -15.44 1.40
O2A ANP F . 1.85 -13.86 3.25
O3A ANP F . 3.00 -12.94 1.24
O5' ANP F . 4.17 -14.59 2.59
C5' ANP F . 4.96 -13.69 3.38
C4' ANP F . 6.33 -14.28 3.51
O4' ANP F . 6.18 -15.68 3.82
C3' ANP F . 7.19 -14.22 2.24
O3' ANP F . 8.55 -13.84 2.49
C2' ANP F . 7.03 -15.61 1.63
O2' ANP F . 8.11 -15.96 0.78
C1' ANP F . 6.88 -16.48 2.89
N9 ANP F . 6.11 -17.71 2.69
C8 ANP F . 4.80 -17.83 2.33
N7 ANP F . 4.37 -19.07 2.24
C5 ANP F . 5.49 -19.82 2.59
C6 ANP F . 5.70 -21.21 2.68
N6 ANP F . 4.76 -22.13 2.43
N1 ANP F . 6.93 -21.62 3.03
C2 ANP F . 7.88 -20.72 3.28
N3 ANP F . 7.80 -19.39 3.23
C4 ANP F . 6.57 -19.00 2.88
MG MG G . 3.07 -16.19 -0.97
#